data_3S3K
#
_entry.id   3S3K
#
_cell.length_a   102.510
_cell.length_b   102.510
_cell.length_c   172.800
_cell.angle_alpha   90.00
_cell.angle_beta   90.00
_cell.angle_gamma   120.00
#
_symmetry.space_group_name_H-M   'P 31 2 1'
#
loop_
_entity.id
_entity.type
_entity.pdbx_description
1 polymer 'Tyrosine-protein phosphatase 10D'
2 non-polymer N,4-DIHYDROXY-N-OXO-3-(SULFOOXY)BENZENAMINIUM
3 water water
#
_entity_poly.entity_id   1
_entity_poly.type   'polypeptide(L)'
_entity_poly.pdbx_seq_one_letter_code
;MGSSHHHHHHSSGLVPRGSHMASRPILIKNFAEHYRLMSADSDFRFSEEFEELKHVGRDQPCTFADLPCNRPKNRFTNIL
PYDHSRFKLQPVDDDEGSDYINANYVPGHNSPREFIVTQGPLHSTRDDFWRMCWESNSRAIVMLTRCFEKGREKCDQYWP
NDTVPVFYGDIKVQILNDSHYADWVMTEFMLCRGSEQRILRHFHFTTWPDFGVPNPPQTLVRFVRAFRDRIGAEQRPIVV
HCSAGVGRSGTFITLDRILQQINTSDYVDIFGIVYAMRKERVWMVQTEQQYICIHQCLLAVLEGKEN
;
_entity_poly.pdbx_strand_id   A,B
#
# COMPACT_ATOMS: atom_id res chain seq x y z
N SER A 19 39.87 -8.41 19.02
CA SER A 19 39.28 -7.72 20.11
C SER A 19 38.37 -8.70 20.74
N HIS A 20 37.50 -8.21 21.60
CA HIS A 20 36.63 -9.09 22.36
C HIS A 20 35.18 -8.72 22.50
N MET A 21 34.78 -7.47 22.56
CA MET A 21 33.39 -7.23 22.95
C MET A 21 32.34 -7.21 21.86
N ALA A 22 32.67 -6.67 20.71
CA ALA A 22 31.79 -6.56 19.59
C ALA A 22 32.47 -7.12 18.41
N SER A 23 33.39 -8.01 18.65
CA SER A 23 34.04 -8.79 17.61
C SER A 23 34.62 -10.10 18.14
N ARG A 24 34.11 -11.22 17.63
CA ARG A 24 34.70 -12.54 17.86
C ARG A 24 35.16 -13.09 16.53
N PRO A 25 36.40 -12.71 16.10
CA PRO A 25 36.96 -13.17 14.85
C PRO A 25 37.49 -14.60 14.96
N ILE A 26 37.31 -15.37 13.89
CA ILE A 26 37.84 -16.70 13.82
C ILE A 26 38.87 -16.76 12.70
N LEU A 27 39.94 -17.53 12.95
CA LEU A 27 40.98 -17.75 11.98
C LEU A 27 40.47 -18.86 11.08
N ILE A 28 40.23 -18.53 9.82
CA ILE A 28 39.56 -19.43 8.86
C ILE A 28 40.07 -20.87 8.90
N LYS A 29 41.38 -21.05 8.92
CA LYS A 29 42.00 -22.38 8.96
C LYS A 29 41.45 -23.24 10.10
N ASN A 30 40.73 -22.62 11.04
CA ASN A 30 40.14 -23.33 12.18
C ASN A 30 38.63 -23.23 12.26
N PHE A 31 38.01 -22.62 11.26
CA PHE A 31 36.57 -22.35 11.28
C PHE A 31 35.76 -23.61 11.46
N ALA A 32 36.20 -24.69 10.81
CA ALA A 32 35.56 -25.99 10.89
C ALA A 32 35.60 -26.61 12.29
N GLU A 33 36.68 -26.37 13.04
CA GLU A 33 36.73 -26.80 14.42
C GLU A 33 35.89 -25.90 15.29
N HIS A 34 36.01 -24.59 15.06
CA HIS A 34 35.26 -23.62 15.84
C HIS A 34 33.79 -23.94 15.71
N TYR A 35 33.36 -24.31 14.51
CA TYR A 35 31.99 -24.70 14.30
C TYR A 35 31.63 -25.89 15.20
N ARG A 36 32.40 -26.97 15.10
CA ARG A 36 32.18 -28.15 15.93
C ARG A 36 32.05 -27.72 17.37
N LEU A 37 33.08 -27.03 17.84
CA LEU A 37 33.16 -26.53 19.21
C LEU A 37 31.95 -25.68 19.59
N MET A 38 31.40 -24.95 18.62
CA MET A 38 30.23 -24.07 18.82
C MET A 38 28.89 -24.81 18.81
N SER A 39 28.77 -25.79 17.91
CA SER A 39 27.54 -26.54 17.75
C SER A 39 27.37 -27.59 18.84
N ALA A 40 28.48 -27.98 19.46
CA ALA A 40 28.48 -29.06 20.45
C ALA A 40 27.64 -28.72 21.67
N ASP A 41 27.03 -29.76 22.25
CA ASP A 41 26.10 -29.64 23.38
C ASP A 41 24.88 -28.82 23.04
N SER A 42 24.12 -29.27 22.05
CA SER A 42 22.91 -28.57 21.61
C SER A 42 23.20 -27.08 21.44
N ASP A 43 24.16 -26.77 20.57
CA ASP A 43 24.61 -25.40 20.34
C ASP A 43 24.78 -24.60 21.62
N PHE A 44 25.38 -25.21 22.65
CA PHE A 44 25.58 -24.51 23.92
C PHE A 44 26.26 -23.16 23.72
N ARG A 45 27.50 -23.22 23.22
CA ARG A 45 28.27 -22.00 22.98
C ARG A 45 27.59 -21.08 21.95
N PHE A 46 27.08 -21.66 20.87
CA PHE A 46 26.45 -20.90 19.80
C PHE A 46 25.30 -20.08 20.34
N SER A 47 24.36 -20.79 20.97
CA SER A 47 23.15 -20.21 21.57
C SER A 47 23.48 -19.10 22.55
N GLU A 48 24.66 -19.22 23.15
CA GLU A 48 25.10 -18.36 24.22
C GLU A 48 25.77 -17.12 23.63
N GLU A 49 26.54 -17.33 22.56
CA GLU A 49 27.22 -16.24 21.87
C GLU A 49 26.17 -15.31 21.28
N PHE A 50 25.11 -15.89 20.72
CA PHE A 50 24.04 -15.12 20.11
C PHE A 50 23.39 -14.24 21.15
N GLU A 51 23.21 -14.81 22.33
CA GLU A 51 22.43 -14.22 23.41
C GLU A 51 23.02 -12.90 23.88
N GLU A 52 24.28 -12.66 23.50
CA GLU A 52 24.99 -11.42 23.84
C GLU A 52 24.50 -10.24 23.02
N LEU A 53 24.08 -10.50 21.78
CA LEU A 53 23.59 -9.44 20.90
C LEU A 53 22.16 -8.95 21.19
N LYS A 54 21.46 -9.64 22.08
CA LYS A 54 20.01 -9.44 22.25
C LYS A 54 19.59 -8.03 22.67
N HIS A 55 20.56 -7.17 22.92
CA HIS A 55 20.28 -5.80 23.37
C HIS A 55 20.92 -4.72 22.50
N VAL A 56 21.57 -5.12 21.41
CA VAL A 56 22.43 -4.19 20.73
C VAL A 56 21.65 -3.17 19.94
N GLY A 57 21.75 -1.91 20.37
CA GLY A 57 21.14 -0.79 19.66
C GLY A 57 19.68 -0.55 19.98
N ARG A 58 19.12 -1.39 20.83
CA ARG A 58 17.71 -1.30 21.20
C ARG A 58 17.41 -0.05 22.01
N ASP A 59 18.46 0.50 22.63
CA ASP A 59 18.32 1.70 23.43
C ASP A 59 18.09 2.95 22.59
N GLN A 60 18.43 2.88 21.30
CA GLN A 60 18.36 4.02 20.40
C GLN A 60 16.92 4.48 20.08
N PRO A 61 16.69 5.80 20.02
CA PRO A 61 15.39 6.40 19.73
C PRO A 61 14.84 6.09 18.33
N CYS A 62 13.53 5.92 18.25
CA CYS A 62 12.82 5.70 16.98
C CYS A 62 11.73 6.73 16.78
N THR A 63 12.06 7.98 17.06
CA THR A 63 11.07 9.06 17.14
C THR A 63 10.14 9.14 15.94
N PHE A 64 10.70 9.21 14.74
CA PHE A 64 9.88 9.43 13.55
C PHE A 64 8.95 8.27 13.23
N ALA A 65 9.53 7.07 13.15
CA ALA A 65 8.78 5.84 12.86
C ALA A 65 7.54 5.73 13.72
N ASP A 66 7.58 6.45 14.85
CA ASP A 66 6.64 6.32 15.93
C ASP A 66 5.65 7.47 15.98
N LEU A 67 5.64 8.30 14.94
CA LEU A 67 4.66 9.38 14.83
C LEU A 67 3.32 8.81 14.37
N PRO A 68 2.20 9.44 14.76
CA PRO A 68 0.89 9.05 14.27
C PRO A 68 0.84 8.89 12.75
N CYS A 69 1.31 9.88 12.00
CA CYS A 69 1.21 9.89 10.54
C CYS A 69 2.02 8.79 9.85
N ASN A 70 2.92 8.16 10.60
CA ASN A 70 3.79 7.12 10.08
C ASN A 70 3.47 5.74 10.69
N ARG A 71 2.52 5.73 11.62
CA ARG A 71 2.09 4.53 12.32
C ARG A 71 1.58 3.46 11.34
N PRO A 72 0.72 3.86 10.36
CA PRO A 72 0.18 2.87 9.43
C PRO A 72 1.20 2.33 8.43
N LYS A 73 2.38 2.94 8.39
CA LYS A 73 3.42 2.59 7.41
C LYS A 73 4.26 1.39 7.85
N ASN A 74 4.20 1.09 9.14
CA ASN A 74 4.94 0.00 9.75
C ASN A 74 4.17 -1.31 9.72
N ARG A 75 4.73 -2.33 9.07
CA ARG A 75 4.08 -3.65 9.02
C ARG A 75 3.95 -4.29 10.39
N PHE A 76 4.95 -4.06 11.23
CA PHE A 76 4.97 -4.54 12.61
C PHE A 76 5.28 -3.39 13.56
N THR A 77 4.56 -3.31 14.68
CA THR A 77 4.74 -2.20 15.62
C THR A 77 6.06 -2.21 16.36
N ASN A 78 6.69 -3.38 16.44
CA ASN A 78 7.96 -3.50 17.14
C ASN A 78 9.16 -3.78 16.23
N ILE A 79 9.04 -3.40 14.97
CA ILE A 79 10.15 -3.36 14.03
C ILE A 79 10.12 -1.98 13.40
N LEU A 80 10.85 -1.06 14.01
CA LEU A 80 10.85 0.34 13.55
C LEU A 80 12.27 0.84 13.36
N PRO A 81 12.51 1.63 12.31
CA PRO A 81 13.89 2.05 12.07
C PRO A 81 14.37 3.03 13.11
N TYR A 82 15.57 2.83 13.64
CA TYR A 82 16.18 3.82 14.52
C TYR A 82 16.38 5.11 13.73
N ASP A 83 16.31 6.25 14.43
CA ASP A 83 16.35 7.55 13.80
C ASP A 83 17.66 7.82 13.07
N HIS A 84 18.77 7.39 13.64
CA HIS A 84 20.09 7.73 13.14
C HIS A 84 20.44 6.97 11.88
N SER A 85 19.75 5.85 11.66
CA SER A 85 20.05 4.99 10.54
C SER A 85 19.04 5.02 9.43
N ARG A 86 17.82 5.45 9.73
CA ARG A 86 16.72 5.37 8.75
C ARG A 86 17.03 6.08 7.44
N PHE A 87 16.60 5.47 6.34
CA PHE A 87 16.63 6.14 5.04
C PHE A 87 15.56 7.20 5.10
N LYS A 88 15.78 8.31 4.42
CA LYS A 88 14.78 9.37 4.39
C LYS A 88 14.42 9.69 2.96
N LEU A 89 13.13 9.75 2.69
CA LEU A 89 12.64 10.14 1.36
C LEU A 89 12.61 11.66 1.27
N GLN A 90 12.87 12.19 0.08
CA GLN A 90 12.71 13.61 -0.16
C GLN A 90 11.36 14.05 0.39
N PRO A 91 11.36 15.10 1.24
CA PRO A 91 10.11 15.55 1.84
C PRO A 91 9.13 16.11 0.82
N VAL A 92 7.85 15.93 1.10
CA VAL A 92 6.78 16.47 0.27
C VAL A 92 5.99 17.51 1.07
N ASP A 93 5.86 18.71 0.48
CA ASP A 93 5.52 19.91 1.19
C ASP A 93 4.15 20.01 1.81
N ASP A 94 3.24 19.13 1.50
CA ASP A 94 1.98 19.24 2.20
C ASP A 94 1.88 18.12 3.22
N ASP A 95 2.38 16.95 2.81
CA ASP A 95 2.46 15.77 3.65
C ASP A 95 3.31 16.03 4.89
N GLU A 96 2.77 15.73 6.06
CA GLU A 96 3.52 15.84 7.27
C GLU A 96 3.98 14.44 7.40
N GLY A 97 5.24 14.25 7.74
CA GLY A 97 5.92 12.96 7.83
C GLY A 97 6.11 12.24 6.52
N SER A 98 6.24 12.99 5.43
CA SER A 98 6.36 12.39 4.10
C SER A 98 7.75 11.83 3.83
N ASP A 99 8.70 12.12 4.70
CA ASP A 99 10.07 11.67 4.53
C ASP A 99 10.24 10.21 4.94
N TYR A 100 9.22 9.63 5.55
CA TYR A 100 9.36 8.35 6.22
C TYR A 100 9.17 7.09 5.37
N ILE A 101 10.00 6.10 5.65
CA ILE A 101 9.82 4.73 5.19
C ILE A 101 10.55 3.83 6.19
N ASN A 102 10.03 2.63 6.41
CA ASN A 102 10.69 1.68 7.30
C ASN A 102 11.93 1.11 6.65
N ALA A 103 13.06 1.80 6.78
CA ALA A 103 14.31 1.29 6.23
C ALA A 103 15.58 1.93 6.80
N ASN A 104 16.61 1.12 7.02
CA ASN A 104 17.94 1.60 7.41
C ASN A 104 19.12 1.27 6.52
N TYR A 105 20.05 2.21 6.43
CA TYR A 105 21.34 1.95 5.84
C TYR A 105 21.94 0.97 6.81
N VAL A 106 22.40 -0.17 6.30
CA VAL A 106 23.09 -1.16 7.09
C VAL A 106 24.40 -1.45 6.38
N PRO A 107 25.51 -1.56 7.15
CA PRO A 107 26.85 -1.75 6.59
C PRO A 107 27.02 -3.04 5.81
N GLY A 108 27.94 -3.05 4.87
CA GLY A 108 28.25 -4.20 4.05
C GLY A 108 29.75 -4.39 3.98
N HIS A 109 30.21 -5.24 3.07
CA HIS A 109 31.62 -5.55 3.01
C HIS A 109 32.47 -4.41 2.45
N ASN A 110 31.83 -3.49 1.74
CA ASN A 110 32.53 -2.51 0.93
C ASN A 110 32.21 -1.07 1.29
N SER A 111 31.16 -0.88 2.09
CA SER A 111 30.67 0.45 2.45
C SER A 111 29.78 0.42 3.68
N PRO A 112 29.94 1.43 4.56
CA PRO A 112 29.09 1.60 5.73
C PRO A 112 27.62 1.79 5.34
N ARG A 113 27.38 2.51 4.24
CA ARG A 113 26.05 2.71 3.71
C ARG A 113 25.82 1.91 2.43
N GLU A 114 26.12 0.61 2.50
CA GLU A 114 26.10 -0.29 1.34
C GLU A 114 24.74 -0.92 1.06
N PHE A 115 24.01 -1.28 2.10
CA PHE A 115 22.66 -1.81 1.93
C PHE A 115 21.62 -0.86 2.47
N ILE A 116 20.43 -0.87 1.86
CA ILE A 116 19.26 -0.33 2.52
C ILE A 116 18.33 -1.51 2.75
N VAL A 117 18.19 -1.91 4.01
CA VAL A 117 17.27 -2.98 4.37
C VAL A 117 15.99 -2.39 4.95
N THR A 118 14.87 -2.89 4.45
CA THR A 118 13.56 -2.30 4.67
C THR A 118 12.60 -3.46 4.85
N GLN A 119 11.38 -3.19 5.31
CA GLN A 119 10.33 -4.20 5.35
C GLN A 119 9.82 -4.45 3.93
N GLY A 120 9.18 -5.59 3.73
CA GLY A 120 8.45 -5.85 2.50
C GLY A 120 7.28 -4.90 2.39
N PRO A 121 7.20 -4.15 1.30
CA PRO A 121 6.18 -3.11 1.25
C PRO A 121 4.75 -3.63 1.41
N LEU A 122 3.91 -2.83 2.08
CA LEU A 122 2.48 -3.00 2.02
C LEU A 122 2.05 -2.32 0.72
N HIS A 123 0.87 -2.66 0.20
CA HIS A 123 0.24 -1.90 -0.90
C HIS A 123 0.22 -0.42 -0.53
N SER A 124 0.06 -0.15 0.76
CA SER A 124 0.05 1.20 1.32
C SER A 124 1.41 1.88 1.25
N THR A 125 2.47 1.14 0.94
CA THR A 125 3.82 1.71 0.95
C THR A 125 4.70 1.43 -0.27
N ARG A 126 4.18 0.68 -1.23
CA ARG A 126 4.95 0.34 -2.43
C ARG A 126 5.37 1.57 -3.25
N ASP A 127 4.50 2.58 -3.36
CA ASP A 127 4.87 3.88 -3.91
C ASP A 127 6.14 4.39 -3.23
N ASP A 128 6.06 4.61 -1.91
CA ASP A 128 7.20 5.01 -1.10
C ASP A 128 8.43 4.12 -1.34
N PHE A 129 8.19 2.80 -1.39
CA PHE A 129 9.28 1.86 -1.60
C PHE A 129 10.00 2.10 -2.92
N TRP A 130 9.25 2.41 -3.98
CA TRP A 130 9.85 2.65 -5.29
C TRP A 130 10.62 3.95 -5.31
N ARG A 131 10.05 4.95 -4.67
CA ARG A 131 10.66 6.27 -4.56
C ARG A 131 11.99 6.16 -3.87
N MET A 132 12.07 5.28 -2.86
CA MET A 132 13.34 5.02 -2.18
C MET A 132 14.39 4.48 -3.14
N CYS A 133 14.03 3.46 -3.90
CA CYS A 133 14.94 2.87 -4.89
C CYS A 133 15.45 3.94 -5.83
N TRP A 134 14.55 4.83 -6.27
CA TRP A 134 14.92 5.88 -7.20
C TRP A 134 15.77 6.95 -6.53
N GLU A 135 15.32 7.43 -5.38
CA GLU A 135 16.06 8.44 -4.65
C GLU A 135 17.42 7.91 -4.16
N SER A 136 17.43 6.66 -3.70
CA SER A 136 18.66 6.03 -3.24
C SER A 136 19.64 5.72 -4.39
N ASN A 137 19.13 5.72 -5.61
CA ASN A 137 19.92 5.39 -6.81
C ASN A 137 20.32 3.91 -6.82
N SER A 138 19.58 3.12 -6.05
CA SER A 138 19.80 1.68 -5.93
C SER A 138 19.56 0.96 -7.26
N ARG A 139 20.50 0.10 -7.65
CA ARG A 139 20.41 -0.62 -8.92
C ARG A 139 20.07 -2.11 -8.73
N ALA A 140 19.79 -2.50 -7.49
CA ALA A 140 19.51 -3.90 -7.18
C ALA A 140 18.61 -4.08 -5.94
N ILE A 141 17.47 -4.72 -6.14
CA ILE A 141 16.65 -5.16 -5.02
C ILE A 141 16.87 -6.66 -4.81
N VAL A 142 16.91 -7.06 -3.54
CA VAL A 142 17.07 -8.45 -3.13
C VAL A 142 15.86 -8.78 -2.31
N MET A 143 14.96 -9.60 -2.85
CA MET A 143 13.75 -9.98 -2.12
C MET A 143 13.83 -11.41 -1.60
N LEU A 144 13.85 -11.55 -0.28
CA LEU A 144 14.07 -12.87 0.35
C LEU A 144 12.82 -13.55 0.92
N THR A 145 11.65 -13.05 0.56
CA THR A 145 10.42 -13.71 0.96
C THR A 145 9.44 -13.92 -0.18
N ARG A 146 8.53 -14.85 0.04
CA ARG A 146 7.43 -15.04 -0.88
C ARG A 146 6.39 -14.02 -0.47
N CYS A 147 5.50 -13.66 -1.38
CA CYS A 147 4.44 -12.74 -1.06
C CYS A 147 3.50 -13.37 -0.03
N PHE A 148 3.14 -14.63 -0.27
CA PHE A 148 2.34 -15.38 0.69
C PHE A 148 3.05 -16.65 1.14
N GLU A 149 2.83 -17.02 2.36
CA GLU A 149 3.49 -18.15 2.91
C GLU A 149 2.62 -18.75 3.98
N LYS A 150 2.25 -20.00 3.83
CA LYS A 150 1.47 -20.72 4.84
C LYS A 150 0.18 -20.06 5.14
N GLY A 151 -0.19 -19.08 4.35
CA GLY A 151 -1.51 -18.51 4.45
C GLY A 151 -1.56 -17.05 4.81
N ARG A 152 -0.45 -16.55 5.29
CA ARG A 152 -0.36 -15.12 5.59
C ARG A 152 0.14 -14.35 4.37
N GLU A 153 0.01 -13.03 4.42
CA GLU A 153 0.66 -12.14 3.45
C GLU A 153 1.89 -11.50 4.07
N LYS A 154 3.03 -11.66 3.40
CA LYS A 154 4.32 -11.22 3.93
C LYS A 154 4.78 -9.91 3.32
N CYS A 155 4.42 -9.73 2.06
CA CYS A 155 4.92 -8.62 1.28
C CYS A 155 4.04 -8.43 0.07
N ASP A 156 3.65 -7.19 -0.22
CA ASP A 156 2.72 -6.93 -1.32
C ASP A 156 3.39 -6.95 -2.64
N GLN A 157 2.79 -7.55 -3.65
CA GLN A 157 3.40 -7.56 -4.96
C GLN A 157 3.50 -6.17 -5.54
N TYR A 158 4.68 -5.58 -5.43
CA TYR A 158 4.99 -4.21 -5.75
C TYR A 158 5.64 -4.07 -7.09
N TRP A 159 5.64 -5.13 -7.88
CA TRP A 159 6.21 -5.10 -9.22
C TRP A 159 5.26 -5.78 -10.22
N PRO A 160 5.35 -5.42 -11.52
CA PRO A 160 4.37 -5.98 -12.44
C PRO A 160 4.57 -7.48 -12.61
N ASN A 161 3.49 -8.20 -12.88
CA ASN A 161 3.60 -9.64 -13.11
C ASN A 161 3.43 -9.97 -14.57
N ASP A 162 3.40 -8.93 -15.39
CA ASP A 162 3.57 -9.10 -16.83
C ASP A 162 4.45 -7.97 -17.36
N THR A 163 4.46 -7.81 -18.68
CA THR A 163 5.39 -6.88 -19.31
C THR A 163 4.75 -5.53 -19.69
N VAL A 164 3.46 -5.40 -19.38
CA VAL A 164 2.76 -4.12 -19.47
C VAL A 164 3.33 -3.22 -18.37
N PRO A 165 3.91 -2.06 -18.75
CA PRO A 165 4.55 -1.13 -17.82
C PRO A 165 3.56 -0.58 -16.81
N VAL A 166 3.99 -0.46 -15.56
CA VAL A 166 3.11 -0.10 -14.48
C VAL A 166 3.68 1.09 -13.72
N PHE A 167 2.84 2.10 -13.45
CA PHE A 167 3.28 3.29 -12.73
C PHE A 167 3.06 3.15 -11.23
N TYR A 168 4.15 3.19 -10.48
CA TYR A 168 4.07 3.25 -9.03
C TYR A 168 4.48 4.64 -8.59
N GLY A 169 3.49 5.50 -8.37
CA GLY A 169 3.75 6.91 -8.05
C GLY A 169 4.15 7.73 -9.26
N ASP A 170 5.41 8.15 -9.29
CA ASP A 170 5.98 8.86 -10.43
C ASP A 170 6.98 7.97 -11.14
N ILE A 171 7.18 6.76 -10.61
CA ILE A 171 8.13 5.81 -11.16
C ILE A 171 7.39 4.81 -12.06
N LYS A 172 7.84 4.68 -13.29
CA LYS A 172 7.27 3.71 -14.23
C LYS A 172 8.16 2.48 -14.31
N VAL A 173 7.70 1.37 -13.74
CA VAL A 173 8.48 0.13 -13.70
C VAL A 173 8.02 -0.83 -14.78
N GLN A 174 8.96 -1.33 -15.59
CA GLN A 174 8.65 -2.31 -16.62
C GLN A 174 9.65 -3.47 -16.66
N ILE A 175 9.15 -4.68 -16.93
CA ILE A 175 10.00 -5.87 -16.97
C ILE A 175 10.65 -5.98 -18.33
N LEU A 176 11.98 -5.89 -18.35
CA LEU A 176 12.74 -6.03 -19.59
C LEU A 176 12.96 -7.49 -19.92
N ASN A 177 13.02 -8.32 -18.88
CA ASN A 177 13.11 -9.77 -18.97
C ASN A 177 13.32 -10.35 -17.59
N ASP A 178 13.07 -11.65 -17.45
CA ASP A 178 13.33 -12.31 -16.20
C ASP A 178 13.89 -13.70 -16.43
N SER A 179 14.68 -14.17 -15.47
CA SER A 179 15.32 -15.48 -15.54
C SER A 179 14.98 -16.31 -14.31
N HIS A 180 14.15 -17.32 -14.51
CA HIS A 180 13.78 -18.24 -13.45
C HIS A 180 14.86 -19.29 -13.27
N TYR A 181 15.08 -19.69 -12.03
CA TYR A 181 15.99 -20.78 -11.71
C TYR A 181 15.30 -21.64 -10.66
N ALA A 182 16.04 -22.61 -10.12
CA ALA A 182 15.54 -23.50 -9.08
C ALA A 182 14.93 -22.79 -7.87
N ASP A 183 15.67 -21.85 -7.29
CA ASP A 183 15.32 -21.28 -5.99
C ASP A 183 15.12 -19.77 -6.00
N TRP A 184 15.31 -19.14 -7.15
CA TRP A 184 15.18 -17.68 -7.24
C TRP A 184 14.85 -17.27 -8.66
N VAL A 185 14.26 -16.08 -8.79
CA VAL A 185 13.99 -15.50 -10.11
C VAL A 185 14.64 -14.12 -10.25
N MET A 186 15.56 -14.01 -11.19
CA MET A 186 16.12 -12.72 -11.61
C MET A 186 15.07 -11.95 -12.40
N THR A 187 14.99 -10.64 -12.18
CA THR A 187 14.10 -9.79 -12.97
C THR A 187 14.76 -8.45 -13.24
N GLU A 188 14.76 -8.06 -14.51
CA GLU A 188 15.39 -6.83 -14.94
C GLU A 188 14.32 -5.80 -15.21
N PHE A 189 14.25 -4.77 -14.37
CA PHE A 189 13.30 -3.68 -14.53
C PHE A 189 13.93 -2.47 -15.21
N MET A 190 13.14 -1.81 -16.07
CA MET A 190 13.48 -0.47 -16.50
C MET A 190 12.76 0.44 -15.54
N LEU A 191 13.42 1.51 -15.11
CA LEU A 191 12.83 2.49 -14.19
C LEU A 191 12.91 3.86 -14.81
N CYS A 192 11.77 4.52 -14.92
CA CYS A 192 11.68 5.85 -15.54
C CYS A 192 11.05 6.88 -14.62
N ARG A 193 11.74 7.99 -14.40
CA ARG A 193 11.12 9.15 -13.75
C ARG A 193 11.33 10.42 -14.57
N GLY A 194 10.27 10.84 -15.25
CA GLY A 194 10.35 11.96 -16.19
C GLY A 194 10.95 11.46 -17.48
N SER A 195 11.96 12.18 -17.97
CA SER A 195 12.74 11.73 -19.12
C SER A 195 14.06 11.10 -18.67
N GLU A 196 14.01 10.38 -17.55
CA GLU A 196 15.22 9.83 -16.94
C GLU A 196 15.05 8.34 -16.68
N GLN A 197 16.04 7.56 -17.12
CA GLN A 197 15.92 6.09 -17.20
C GLN A 197 17.05 5.32 -16.53
N ARG A 198 16.72 4.19 -15.92
CA ARG A 198 17.72 3.35 -15.32
C ARG A 198 17.21 1.96 -15.32
N ILE A 199 18.11 1.01 -15.19
CA ILE A 199 17.78 -0.37 -15.07
C ILE A 199 18.00 -0.83 -13.65
N LEU A 200 17.38 -1.91 -13.24
CA LEU A 200 17.48 -2.36 -11.88
C LEU A 200 17.35 -3.82 -11.93
N ARG A 201 18.11 -4.51 -11.12
CA ARG A 201 18.10 -5.97 -11.09
C ARG A 201 17.47 -6.47 -9.79
N HIS A 202 16.49 -7.36 -9.93
CA HIS A 202 15.65 -7.79 -8.82
C HIS A 202 15.87 -9.27 -8.52
N PHE A 203 16.47 -9.54 -7.36
CA PHE A 203 16.90 -10.88 -6.97
C PHE A 203 15.90 -11.46 -5.98
N HIS A 204 15.02 -12.33 -6.47
CA HIS A 204 13.93 -12.85 -5.65
C HIS A 204 14.12 -14.32 -5.27
N PHE A 205 14.68 -14.53 -4.09
CA PHE A 205 14.91 -15.85 -3.52
C PHE A 205 13.59 -16.46 -3.06
N THR A 206 13.12 -17.47 -3.79
CA THR A 206 11.74 -17.94 -3.64
C THR A 206 11.62 -19.33 -3.03
N THR A 207 12.65 -19.77 -2.32
CA THR A 207 12.72 -21.14 -1.86
C THR A 207 12.64 -21.29 -0.33
N TRP A 208 12.88 -20.22 0.41
CA TRP A 208 12.98 -20.26 1.86
C TRP A 208 11.78 -20.98 2.46
N PRO A 209 12.04 -21.98 3.33
CA PRO A 209 11.02 -22.87 3.87
C PRO A 209 10.06 -22.17 4.82
N ASP A 210 8.77 -22.52 4.70
CA ASP A 210 7.68 -21.94 5.49
C ASP A 210 7.98 -21.85 6.98
N PHE A 211 8.74 -22.81 7.50
CA PHE A 211 9.35 -22.63 8.83
C PHE A 211 10.82 -23.08 8.82
N GLY A 212 11.61 -22.51 9.73
CA GLY A 212 13.05 -22.77 9.80
C GLY A 212 13.85 -22.07 8.70
N VAL A 213 15.16 -22.30 8.70
CA VAL A 213 16.07 -21.75 7.69
C VAL A 213 16.27 -22.75 6.52
N PRO A 214 16.79 -22.28 5.36
CA PRO A 214 16.90 -23.14 4.18
C PRO A 214 17.69 -24.44 4.42
N ASN A 215 17.13 -25.56 4.00
CA ASN A 215 17.71 -26.87 4.32
C ASN A 215 17.69 -27.82 3.14
N PRO A 216 18.86 -28.03 2.49
CA PRO A 216 20.19 -27.64 2.91
C PRO A 216 20.49 -26.17 2.62
N PRO A 217 21.33 -25.53 3.47
CA PRO A 217 21.67 -24.12 3.32
C PRO A 217 22.35 -23.79 1.99
N GLN A 218 22.98 -24.79 1.36
CA GLN A 218 23.66 -24.59 0.07
C GLN A 218 22.87 -23.73 -0.91
N THR A 219 21.56 -23.89 -0.89
CA THR A 219 20.65 -23.12 -1.74
C THR A 219 20.85 -21.62 -1.56
N LEU A 220 21.01 -21.20 -0.31
CA LEU A 220 21.20 -19.79 -0.01
C LEU A 220 22.56 -19.31 -0.49
N VAL A 221 23.61 -20.10 -0.27
CA VAL A 221 24.96 -19.81 -0.77
C VAL A 221 24.89 -19.65 -2.28
N ARG A 222 24.25 -20.61 -2.94
CA ARG A 222 24.09 -20.60 -4.38
C ARG A 222 23.52 -19.26 -4.84
N PHE A 223 22.48 -18.78 -4.15
CA PHE A 223 21.85 -17.50 -4.46
C PHE A 223 22.78 -16.32 -4.24
N VAL A 224 23.55 -16.35 -3.15
CA VAL A 224 24.39 -15.21 -2.80
C VAL A 224 25.47 -15.08 -3.84
N ARG A 225 26.04 -16.21 -4.24
CA ARG A 225 27.03 -16.26 -5.31
C ARG A 225 26.45 -15.68 -6.60
N ALA A 226 25.26 -16.13 -6.99
CA ALA A 226 24.59 -15.65 -8.19
C ALA A 226 24.38 -14.15 -8.14
N PHE A 227 23.93 -13.67 -6.99
CA PHE A 227 23.74 -12.25 -6.76
C PHE A 227 25.07 -11.50 -6.92
N ARG A 228 26.06 -11.81 -6.09
CA ARG A 228 27.29 -11.03 -6.09
C ARG A 228 27.97 -11.07 -7.46
N ASP A 229 28.13 -12.28 -8.01
CA ASP A 229 28.66 -12.44 -9.36
C ASP A 229 27.95 -11.47 -10.30
N ARG A 230 26.62 -11.40 -10.18
CA ARG A 230 25.79 -10.59 -11.08
C ARG A 230 25.87 -9.10 -10.82
N ILE A 231 26.01 -8.72 -9.55
CA ILE A 231 25.93 -7.31 -9.19
C ILE A 231 27.27 -6.59 -9.24
N GLY A 232 28.36 -7.33 -9.07
CA GLY A 232 29.71 -6.74 -9.04
C GLY A 232 30.01 -5.89 -7.80
N ALA A 233 31.04 -5.07 -7.92
CA ALA A 233 31.50 -4.21 -6.84
C ALA A 233 30.66 -2.95 -6.75
N GLU A 234 29.36 -3.11 -6.50
CA GLU A 234 28.40 -2.00 -6.54
C GLU A 234 28.73 -0.88 -5.57
N GLN A 235 28.47 0.35 -6.00
CA GLN A 235 28.86 1.54 -5.26
C GLN A 235 27.67 2.38 -4.83
N ARG A 236 26.52 2.11 -5.41
CA ARG A 236 25.26 2.65 -4.91
C ARG A 236 24.66 1.61 -3.95
N PRO A 237 23.60 1.97 -3.21
CA PRO A 237 22.98 1.05 -2.26
C PRO A 237 22.34 -0.14 -2.93
N ILE A 238 22.21 -1.22 -2.18
CA ILE A 238 21.46 -2.38 -2.60
C ILE A 238 20.24 -2.42 -1.69
N VAL A 239 19.04 -2.51 -2.25
CA VAL A 239 17.85 -2.66 -1.40
C VAL A 239 17.62 -4.14 -1.02
N VAL A 240 17.49 -4.40 0.27
CA VAL A 240 17.31 -5.76 0.77
C VAL A 240 16.05 -5.85 1.61
N HIS A 241 15.24 -6.86 1.38
CA HIS A 241 14.06 -6.94 2.13
C HIS A 241 13.51 -8.33 2.23
N CYS A 242 12.74 -8.60 3.28
CA CYS A 242 11.93 -9.79 3.47
C CYS A 242 10.51 -9.48 3.90
N SER A 243 10.13 -9.94 5.07
CA SER A 243 8.84 -9.66 5.60
C SER A 243 8.94 -8.47 6.46
N ALA A 244 9.75 -8.54 7.49
CA ALA A 244 9.89 -7.45 8.46
C ALA A 244 11.16 -6.66 8.21
N GLY A 245 12.07 -7.26 7.45
CA GLY A 245 13.34 -6.62 7.09
C GLY A 245 14.43 -6.85 8.11
N VAL A 246 14.34 -7.95 8.83
CA VAL A 246 15.27 -8.23 9.93
C VAL A 246 15.96 -9.59 9.80
N GLY A 247 15.22 -10.69 10.03
CA GLY A 247 15.79 -12.05 10.03
C GLY A 247 16.51 -12.53 8.78
N ARG A 248 15.77 -12.68 7.68
CA ARG A 248 16.36 -13.18 6.43
C ARG A 248 17.27 -12.13 5.80
N SER A 249 16.76 -10.90 5.71
CA SER A 249 17.55 -9.78 5.26
C SER A 249 18.90 -9.74 5.97
N GLY A 250 18.89 -10.01 7.27
CA GLY A 250 20.13 -10.04 8.06
C GLY A 250 21.01 -11.23 7.74
N THR A 251 20.39 -12.36 7.43
CA THR A 251 21.15 -13.58 7.18
C THR A 251 21.84 -13.51 5.85
N PHE A 252 21.14 -12.96 4.85
CA PHE A 252 21.70 -12.74 3.51
C PHE A 252 22.89 -11.80 3.58
N ILE A 253 22.65 -10.53 3.92
CA ILE A 253 23.71 -9.52 3.97
C ILE A 253 24.99 -10.04 4.64
N THR A 254 24.84 -10.73 5.76
CA THR A 254 25.96 -11.25 6.52
C THR A 254 26.70 -12.29 5.68
N LEU A 255 25.97 -13.25 5.15
CA LEU A 255 26.54 -14.29 4.29
C LEU A 255 27.24 -13.72 3.04
N ASP A 256 26.68 -12.66 2.47
CA ASP A 256 27.25 -12.01 1.29
C ASP A 256 28.57 -11.36 1.64
N ARG A 257 28.62 -10.77 2.82
CA ARG A 257 29.79 -10.09 3.33
C ARG A 257 30.94 -11.06 3.55
N ILE A 258 30.67 -12.11 4.31
CA ILE A 258 31.70 -13.07 4.71
C ILE A 258 32.30 -13.81 3.52
N LEU A 259 31.49 -14.12 2.51
CA LEU A 259 32.00 -14.81 1.33
C LEU A 259 32.93 -13.93 0.51
N GLN A 260 32.65 -12.63 0.49
CA GLN A 260 33.54 -11.65 -0.12
C GLN A 260 34.83 -11.57 0.71
N GLN A 261 34.67 -11.77 2.02
CA GLN A 261 35.71 -11.55 3.00
C GLN A 261 36.82 -12.60 2.93
N ILE A 262 36.42 -13.88 2.85
CA ILE A 262 37.36 -15.00 2.80
C ILE A 262 38.25 -14.98 1.55
N ASN A 263 38.26 -13.85 0.85
CA ASN A 263 39.11 -13.65 -0.32
C ASN A 263 40.18 -12.58 -0.10
N THR A 264 40.20 -12.00 1.09
CA THR A 264 41.16 -10.93 1.42
C THR A 264 41.69 -11.09 2.83
N SER A 265 41.14 -12.05 3.57
CA SER A 265 41.63 -12.32 4.90
C SER A 265 41.68 -13.79 5.20
N ASP A 266 42.37 -14.13 6.27
CA ASP A 266 42.29 -15.46 6.85
C ASP A 266 41.55 -15.37 8.17
N TYR A 267 40.60 -14.43 8.22
CA TYR A 267 39.73 -14.20 9.36
C TYR A 267 38.30 -13.98 8.91
N VAL A 268 37.34 -14.31 9.77
CA VAL A 268 35.90 -14.06 9.55
C VAL A 268 35.28 -13.63 10.86
N ASP A 269 34.38 -12.66 10.79
CA ASP A 269 33.81 -12.12 11.99
C ASP A 269 32.28 -12.06 11.99
N ILE A 270 31.64 -13.22 11.80
CA ILE A 270 30.19 -13.32 11.78
C ILE A 270 29.54 -12.58 12.96
N PHE A 271 30.03 -12.84 14.18
CA PHE A 271 29.62 -12.09 15.38
C PHE A 271 29.79 -10.59 15.15
N GLY A 272 30.99 -10.18 14.79
CA GLY A 272 31.29 -8.77 14.54
C GLY A 272 30.35 -8.13 13.53
N ILE A 273 30.07 -8.86 12.45
CA ILE A 273 29.15 -8.42 11.41
C ILE A 273 27.75 -8.13 11.98
N VAL A 274 27.24 -9.09 12.76
CA VAL A 274 25.88 -8.97 13.33
C VAL A 274 25.81 -7.79 14.33
N TYR A 275 26.74 -7.75 15.26
CA TYR A 275 26.78 -6.67 16.25
C TYR A 275 26.77 -5.30 15.56
N ALA A 276 27.46 -5.18 14.43
CA ALA A 276 27.50 -3.92 13.70
C ALA A 276 26.16 -3.61 13.04
N MET A 277 25.47 -4.67 12.62
CA MET A 277 24.19 -4.51 11.94
C MET A 277 23.09 -4.19 12.94
N ARG A 278 23.13 -4.84 14.10
CA ARG A 278 22.16 -4.57 15.15
C ARG A 278 22.16 -3.08 15.47
N LYS A 279 23.36 -2.51 15.63
CA LYS A 279 23.50 -1.11 15.98
C LYS A 279 22.87 -0.20 14.92
N GLU A 280 22.72 -0.72 13.71
CA GLU A 280 22.12 0.04 12.61
C GLU A 280 20.62 -0.19 12.37
N ARG A 281 20.07 -1.39 12.54
CA ARG A 281 18.63 -1.62 12.34
C ARG A 281 18.24 -2.75 13.21
N VAL A 282 17.03 -2.81 13.70
CA VAL A 282 16.57 -3.79 14.72
C VAL A 282 16.81 -5.27 14.45
N TRP A 283 16.80 -6.09 15.46
CA TRP A 283 16.99 -7.50 15.25
C TRP A 283 17.52 -7.92 13.94
N MET A 284 18.70 -7.50 13.53
CA MET A 284 19.20 -7.85 12.19
C MET A 284 19.36 -9.33 11.86
N VAL A 285 20.17 -10.11 12.57
CA VAL A 285 20.04 -11.56 12.35
C VAL A 285 19.06 -12.02 13.42
N GLN A 286 17.80 -12.27 13.03
CA GLN A 286 16.70 -12.37 14.01
C GLN A 286 16.78 -13.54 14.99
N THR A 287 16.95 -14.76 14.48
CA THR A 287 16.89 -15.97 15.32
C THR A 287 18.20 -16.74 15.30
N GLU A 288 18.55 -17.38 16.42
CA GLU A 288 19.82 -18.10 16.51
C GLU A 288 19.91 -19.28 15.55
N GLN A 289 18.76 -19.68 14.99
CA GLN A 289 18.78 -20.65 13.91
C GLN A 289 19.44 -20.02 12.69
N GLN A 290 19.12 -18.76 12.42
CA GLN A 290 19.73 -18.04 11.33
C GLN A 290 21.19 -17.77 11.67
N TYR A 291 21.46 -17.44 12.93
CA TYR A 291 22.84 -17.20 13.38
C TYR A 291 23.68 -18.42 13.12
N ILE A 292 23.17 -19.59 13.48
CA ILE A 292 23.81 -20.85 13.16
C ILE A 292 23.90 -21.05 11.63
N CYS A 293 22.78 -20.87 10.92
CA CYS A 293 22.72 -21.07 9.46
C CYS A 293 23.85 -20.38 8.68
N ILE A 294 24.17 -19.15 9.08
CA ILE A 294 25.28 -18.39 8.49
C ILE A 294 26.59 -19.18 8.64
N HIS A 295 26.79 -19.76 9.82
CA HIS A 295 27.97 -20.57 10.09
C HIS A 295 28.01 -21.83 9.25
N GLN A 296 26.85 -22.42 8.99
CA GLN A 296 26.78 -23.65 8.21
C GLN A 296 27.12 -23.38 6.75
N CYS A 297 26.58 -22.28 6.24
CA CYS A 297 26.78 -21.90 4.86
C CYS A 297 28.27 -21.75 4.60
N LEU A 298 28.94 -20.92 5.41
CA LEU A 298 30.38 -20.72 5.31
C LEU A 298 31.10 -22.05 5.50
N LEU A 299 30.75 -22.77 6.56
CA LEU A 299 31.31 -24.10 6.78
C LEU A 299 31.22 -24.92 5.51
N ALA A 300 30.09 -24.83 4.81
CA ALA A 300 29.91 -25.58 3.58
C ALA A 300 30.91 -25.12 2.53
N VAL A 301 31.06 -23.80 2.39
CA VAL A 301 31.97 -23.24 1.39
C VAL A 301 33.41 -23.65 1.66
N LEU A 302 33.88 -23.42 2.88
CA LEU A 302 35.25 -23.76 3.26
C LEU A 302 35.55 -25.23 3.09
N GLU A 303 34.51 -26.06 3.08
CA GLU A 303 34.68 -27.51 2.92
C GLU A 303 34.29 -28.00 1.52
N GLY A 304 34.27 -27.09 0.56
CA GLY A 304 33.99 -27.44 -0.82
C GLY A 304 32.66 -28.14 -0.98
N LYS A 305 31.63 -27.58 -0.33
CA LYS A 305 30.24 -28.02 -0.45
C LYS A 305 30.04 -29.49 -0.09
N MET B 21 -17.74 30.15 6.55
CA MET B 21 -17.75 29.41 7.85
C MET B 21 -17.71 27.89 7.65
N ALA B 22 -18.90 27.29 7.67
CA ALA B 22 -19.09 25.87 7.39
C ALA B 22 -20.25 25.71 6.43
N SER B 23 -20.77 26.85 5.98
CA SER B 23 -21.84 26.90 4.98
C SER B 23 -21.77 28.18 4.17
N ARG B 24 -21.90 28.05 2.86
CA ARG B 24 -21.97 29.17 1.95
C ARG B 24 -23.03 28.84 0.91
N PRO B 25 -24.32 28.96 1.28
CA PRO B 25 -25.39 28.64 0.36
C PRO B 25 -25.54 29.74 -0.67
N ILE B 26 -25.68 29.34 -1.92
CA ILE B 26 -25.86 30.28 -3.01
C ILE B 26 -27.17 29.99 -3.76
N LEU B 27 -27.97 31.04 -3.92
CA LEU B 27 -29.34 30.98 -4.42
C LEU B 27 -29.43 30.50 -5.87
N ILE B 28 -30.33 29.62 -6.15
CA ILE B 28 -30.39 29.02 -7.44
C ILE B 28 -30.46 30.01 -8.57
N LYS B 29 -31.18 31.09 -8.41
CA LYS B 29 -31.20 32.02 -9.53
C LYS B 29 -29.93 32.82 -9.66
N ASN B 30 -28.85 32.40 -9.01
CA ASN B 30 -27.63 33.20 -9.03
C ASN B 30 -26.38 32.43 -9.21
N PHE B 31 -26.51 31.14 -9.36
CA PHE B 31 -25.37 30.32 -9.65
C PHE B 31 -24.75 30.85 -10.94
N ALA B 32 -25.59 31.28 -11.83
CA ALA B 32 -25.16 31.83 -13.09
C ALA B 32 -24.01 32.76 -12.87
N GLU B 33 -24.24 33.79 -12.09
CA GLU B 33 -23.28 34.84 -11.92
C GLU B 33 -22.41 34.57 -10.77
N HIS B 34 -22.62 33.48 -10.08
CA HIS B 34 -21.81 33.18 -8.94
C HIS B 34 -20.69 32.44 -9.52
N TYR B 35 -20.99 31.56 -10.44
CA TYR B 35 -19.95 30.77 -11.03
C TYR B 35 -19.05 31.77 -11.61
N ARG B 36 -19.58 32.62 -12.45
CA ARG B 36 -18.68 33.62 -13.04
C ARG B 36 -17.70 34.34 -12.12
N LEU B 37 -18.20 34.83 -10.99
CA LEU B 37 -17.37 35.51 -10.00
C LEU B 37 -16.42 34.53 -9.35
N MET B 38 -16.88 33.28 -9.23
CA MET B 38 -16.12 32.21 -8.59
C MET B 38 -14.92 31.76 -9.42
N SER B 39 -15.12 31.65 -10.73
CA SER B 39 -14.05 31.33 -11.67
C SER B 39 -13.35 32.61 -12.07
N ALA B 40 -12.92 33.35 -11.05
CA ALA B 40 -12.46 34.74 -11.16
C ALA B 40 -11.18 34.91 -11.98
N ASP B 41 -10.06 35.09 -11.27
CA ASP B 41 -8.75 35.02 -11.91
C ASP B 41 -8.20 33.61 -11.95
N SER B 42 -8.25 33.00 -13.13
CA SER B 42 -8.00 31.57 -13.30
C SER B 42 -8.45 30.93 -11.98
N ASP B 43 -9.73 31.16 -11.65
CA ASP B 43 -10.38 30.57 -10.48
C ASP B 43 -9.80 31.04 -9.14
N PHE B 44 -9.66 32.35 -8.98
CA PHE B 44 -9.09 32.91 -7.73
C PHE B 44 -9.94 32.67 -6.48
N ARG B 45 -11.23 32.98 -6.56
CA ARG B 45 -12.14 32.75 -5.44
C ARG B 45 -12.47 31.27 -5.27
N PHE B 46 -12.46 30.51 -6.36
CA PHE B 46 -12.69 29.06 -6.31
C PHE B 46 -11.57 28.35 -5.59
N SER B 47 -10.33 28.77 -5.86
CA SER B 47 -9.17 28.25 -5.15
C SER B 47 -9.24 28.65 -3.69
N GLU B 48 -9.62 29.90 -3.45
CA GLU B 48 -9.76 30.41 -2.09
C GLU B 48 -10.73 29.56 -1.30
N GLU B 49 -11.92 29.37 -1.84
CA GLU B 49 -12.97 28.68 -1.12
C GLU B 49 -12.54 27.25 -0.80
N PHE B 50 -12.09 26.52 -1.81
CA PHE B 50 -11.67 25.11 -1.64
C PHE B 50 -10.57 24.93 -0.60
N GLU B 51 -9.70 25.94 -0.43
CA GLU B 51 -8.67 25.95 0.62
C GLU B 51 -9.25 25.91 2.02
N GLU B 52 -10.32 26.68 2.25
CA GLU B 52 -10.96 26.79 3.56
C GLU B 52 -11.49 25.44 4.08
N LEU B 53 -11.36 24.42 3.24
CA LEU B 53 -11.83 23.08 3.56
C LEU B 53 -10.60 22.22 3.85
N LYS B 54 -9.41 22.82 3.74
CA LYS B 54 -8.16 22.07 3.92
C LYS B 54 -8.19 21.14 5.13
N HIS B 55 -8.30 21.74 6.31
CA HIS B 55 -8.20 21.01 7.56
C HIS B 55 -9.46 20.42 8.18
N VAL B 56 -10.62 20.61 7.54
CA VAL B 56 -11.90 20.22 8.14
C VAL B 56 -11.98 18.71 8.46
N GLY B 57 -12.11 18.40 9.75
CA GLY B 57 -12.32 17.04 10.23
C GLY B 57 -11.05 16.27 10.57
N ARG B 58 -9.93 16.69 9.99
CA ARG B 58 -8.70 15.87 9.98
C ARG B 58 -8.21 15.42 11.35
N ASP B 59 -8.68 16.08 12.39
CA ASP B 59 -8.21 15.80 13.74
C ASP B 59 -8.83 14.54 14.30
N GLN B 60 -9.95 14.10 13.70
CA GLN B 60 -10.68 12.95 14.20
C GLN B 60 -9.83 11.68 14.14
N PRO B 61 -9.87 10.86 15.21
CA PRO B 61 -9.07 9.63 15.30
C PRO B 61 -9.51 8.51 14.37
N CYS B 62 -8.53 7.76 13.87
CA CYS B 62 -8.75 6.54 13.09
C CYS B 62 -7.93 5.45 13.75
N THR B 63 -8.49 4.85 14.78
CA THR B 63 -7.75 3.93 15.61
C THR B 63 -7.68 2.55 14.96
N PHE B 64 -8.81 2.10 14.44
CA PHE B 64 -8.90 0.75 13.92
C PHE B 64 -8.14 0.63 12.60
N ALA B 65 -8.29 1.63 11.74
CA ALA B 65 -7.53 1.70 10.48
C ALA B 65 -6.02 1.69 10.71
N ASP B 66 -5.60 2.02 11.93
CA ASP B 66 -4.19 2.06 12.27
C ASP B 66 -3.65 0.81 12.97
N LEU B 67 -4.54 -0.07 13.42
CA LEU B 67 -4.09 -1.28 14.10
C LEU B 67 -3.26 -2.13 13.15
N PRO B 68 -2.13 -2.68 13.62
CA PRO B 68 -1.24 -3.49 12.81
C PRO B 68 -1.96 -4.32 11.75
N CYS B 69 -2.86 -5.18 12.18
CA CYS B 69 -3.46 -6.16 11.30
C CYS B 69 -4.36 -5.55 10.23
N ASN B 70 -4.54 -4.24 10.29
CA ASN B 70 -5.39 -3.54 9.31
C ASN B 70 -4.60 -2.75 8.30
N ARG B 71 -3.32 -2.54 8.59
CA ARG B 71 -2.46 -1.76 7.72
C ARG B 71 -2.37 -2.37 6.30
N PRO B 72 -2.40 -3.71 6.19
CA PRO B 72 -2.41 -4.32 4.87
C PRO B 72 -3.78 -4.28 4.18
N LYS B 73 -4.69 -3.46 4.69
CA LYS B 73 -6.04 -3.39 4.17
C LYS B 73 -6.39 -1.99 3.67
N ASN B 74 -5.51 -1.01 3.91
CA ASN B 74 -5.71 0.34 3.42
C ASN B 74 -4.95 0.53 2.13
N ARG B 75 -5.65 0.91 1.06
CA ARG B 75 -5.01 1.17 -0.23
C ARG B 75 -4.10 2.40 -0.16
N PHE B 76 -4.44 3.34 0.72
CA PHE B 76 -3.63 4.52 0.96
C PHE B 76 -3.33 4.74 2.45
N THR B 77 -2.09 5.08 2.74
CA THR B 77 -1.61 5.27 4.11
C THR B 77 -2.16 6.56 4.70
N ASN B 78 -2.67 7.43 3.83
CA ASN B 78 -3.18 8.72 4.26
C ASN B 78 -4.65 8.87 3.93
N ILE B 79 -5.31 7.75 3.67
CA ILE B 79 -6.76 7.71 3.54
C ILE B 79 -7.28 6.59 4.44
N LEU B 80 -7.52 6.95 5.70
CA LEU B 80 -8.04 6.03 6.70
C LEU B 80 -9.46 6.45 7.03
N PRO B 81 -10.33 5.50 7.40
CA PRO B 81 -11.67 5.91 7.79
C PRO B 81 -11.67 6.42 9.22
N TYR B 82 -12.24 7.61 9.43
CA TYR B 82 -12.45 8.13 10.77
C TYR B 82 -13.20 7.08 11.58
N ASP B 83 -12.94 7.02 12.88
CA ASP B 83 -13.56 6.02 13.77
C ASP B 83 -15.07 6.19 13.93
N HIS B 84 -15.51 7.43 14.12
CA HIS B 84 -16.92 7.69 14.39
C HIS B 84 -17.78 7.44 13.16
N SER B 85 -17.16 7.04 12.07
CA SER B 85 -17.82 7.09 10.80
C SER B 85 -17.61 5.81 10.03
N ARG B 86 -16.68 4.98 10.51
CA ARG B 86 -16.26 3.80 9.79
C ARG B 86 -17.41 2.81 9.68
N PHE B 87 -17.52 2.16 8.52
CA PHE B 87 -18.42 1.04 8.40
C PHE B 87 -17.80 -0.09 9.17
N LYS B 88 -18.64 -0.85 9.87
CA LYS B 88 -18.16 -1.95 10.69
C LYS B 88 -18.78 -3.22 10.16
N LEU B 89 -17.93 -4.19 9.82
CA LEU B 89 -18.39 -5.54 9.54
C LEU B 89 -18.77 -6.20 10.87
N GLN B 90 -19.48 -7.32 10.78
CA GLN B 90 -19.71 -8.16 11.96
C GLN B 90 -18.38 -8.74 12.40
N PRO B 91 -17.97 -8.44 13.63
CA PRO B 91 -16.68 -8.87 14.14
C PRO B 91 -16.66 -10.32 14.53
N VAL B 92 -15.47 -10.90 14.60
CA VAL B 92 -15.28 -12.17 15.31
C VAL B 92 -14.61 -11.80 16.63
N ASP B 93 -15.24 -12.17 17.74
CA ASP B 93 -14.74 -11.85 19.08
C ASP B 93 -13.24 -12.05 19.23
N ASP B 94 -12.60 -11.10 19.92
CA ASP B 94 -11.17 -11.13 20.20
C ASP B 94 -10.35 -11.36 18.91
N ASP B 95 -10.53 -10.46 17.95
CA ASP B 95 -9.81 -10.51 16.68
C ASP B 95 -9.86 -9.11 16.07
N GLU B 96 -8.71 -8.43 16.04
CA GLU B 96 -8.67 -6.96 15.91
C GLU B 96 -9.48 -6.48 14.71
N GLY B 97 -9.01 -6.86 13.52
CA GLY B 97 -9.55 -6.32 12.28
C GLY B 97 -10.71 -7.11 11.74
N SER B 98 -11.30 -7.96 12.57
CA SER B 98 -12.45 -8.75 12.15
C SER B 98 -13.61 -7.89 11.71
N ASP B 99 -13.69 -6.66 12.21
CA ASP B 99 -14.76 -5.74 11.82
C ASP B 99 -14.35 -4.75 10.71
N TYR B 100 -13.07 -4.71 10.37
CA TYR B 100 -12.53 -3.59 9.61
C TYR B 100 -12.64 -3.64 8.11
N ILE B 101 -12.98 -2.48 7.55
CA ILE B 101 -12.96 -2.18 6.13
C ILE B 101 -12.76 -0.67 6.00
N ASN B 102 -11.95 -0.24 5.03
CA ASN B 102 -11.74 1.19 4.82
C ASN B 102 -12.97 1.78 4.16
N ALA B 103 -13.92 2.18 5.00
CA ALA B 103 -15.20 2.67 4.50
C ALA B 103 -15.96 3.44 5.56
N ASN B 104 -16.51 4.58 5.17
CA ASN B 104 -17.31 5.39 6.07
C ASN B 104 -18.71 5.61 5.53
N TYR B 105 -19.62 5.99 6.42
CA TYR B 105 -20.91 6.47 6.02
C TYR B 105 -20.75 7.94 5.70
N VAL B 106 -21.19 8.34 4.51
CA VAL B 106 -21.22 9.74 4.11
C VAL B 106 -22.66 10.15 3.80
N PRO B 107 -23.14 11.26 4.42
CA PRO B 107 -24.54 11.66 4.31
C PRO B 107 -24.96 12.00 2.88
N GLY B 108 -26.24 11.81 2.59
CA GLY B 108 -26.77 12.11 1.29
C GLY B 108 -27.89 13.11 1.43
N HIS B 109 -28.68 13.24 0.38
CA HIS B 109 -29.81 14.17 0.37
C HIS B 109 -30.94 13.63 1.23
N ASN B 110 -31.09 12.31 1.27
CA ASN B 110 -32.24 11.68 1.86
C ASN B 110 -31.95 10.92 3.17
N SER B 111 -30.69 10.84 3.57
CA SER B 111 -30.31 10.17 4.82
C SER B 111 -28.88 10.46 5.29
N PRO B 112 -28.67 10.59 6.62
CA PRO B 112 -27.34 10.74 7.19
C PRO B 112 -26.46 9.54 6.91
N ARG B 113 -27.06 8.36 6.78
CA ARG B 113 -26.32 7.20 6.33
C ARG B 113 -26.84 6.66 4.99
N GLU B 114 -26.94 7.57 4.03
CA GLU B 114 -27.36 7.27 2.66
C GLU B 114 -26.26 6.55 1.88
N PHE B 115 -25.00 6.92 2.09
CA PHE B 115 -23.89 6.32 1.33
C PHE B 115 -22.85 5.65 2.20
N ILE B 116 -22.40 4.46 1.79
CA ILE B 116 -21.24 3.84 2.39
C ILE B 116 -20.12 3.98 1.39
N VAL B 117 -19.29 5.00 1.55
CA VAL B 117 -18.14 5.16 0.64
C VAL B 117 -16.86 4.49 1.14
N THR B 118 -16.35 3.59 0.30
CA THR B 118 -15.17 2.82 0.57
C THR B 118 -14.21 3.06 -0.58
N GLN B 119 -12.91 2.80 -0.34
CA GLN B 119 -11.91 2.72 -1.41
C GLN B 119 -12.25 1.58 -2.37
N GLY B 120 -11.69 1.62 -3.58
CA GLY B 120 -11.82 0.51 -4.51
C GLY B 120 -11.13 -0.69 -3.89
N PRO B 121 -11.83 -1.84 -3.81
CA PRO B 121 -11.33 -2.97 -3.03
C PRO B 121 -10.00 -3.50 -3.55
N LEU B 122 -9.17 -3.98 -2.63
CA LEU B 122 -7.95 -4.70 -2.98
C LEU B 122 -8.33 -6.16 -3.23
N HIS B 123 -7.55 -6.85 -4.06
CA HIS B 123 -7.77 -8.26 -4.34
C HIS B 123 -7.87 -9.05 -3.05
N SER B 124 -7.26 -8.51 -2.00
CA SER B 124 -7.17 -9.17 -0.71
C SER B 124 -8.21 -8.68 0.24
N THR B 125 -9.14 -7.87 -0.26
CA THR B 125 -10.21 -7.33 0.57
C THR B 125 -11.61 -7.49 -0.04
N ARG B 126 -11.67 -8.18 -1.20
CA ARG B 126 -12.92 -8.44 -1.94
C ARG B 126 -13.96 -9.12 -1.08
N ASP B 127 -13.49 -10.09 -0.31
CA ASP B 127 -14.34 -10.85 0.61
C ASP B 127 -15.03 -9.94 1.63
N ASP B 128 -14.26 -9.03 2.23
CA ASP B 128 -14.81 -7.99 3.10
C ASP B 128 -15.81 -7.14 2.31
N PHE B 129 -15.38 -6.62 1.15
CA PHE B 129 -16.23 -5.73 0.36
C PHE B 129 -17.62 -6.32 0.07
N TRP B 130 -17.67 -7.61 -0.22
CA TRP B 130 -18.94 -8.23 -0.52
C TRP B 130 -19.70 -8.48 0.76
N ARG B 131 -18.98 -8.84 1.83
CA ARG B 131 -19.62 -9.07 3.12
C ARG B 131 -20.22 -7.76 3.65
N MET B 132 -19.56 -6.63 3.35
CA MET B 132 -20.12 -5.31 3.63
C MET B 132 -21.41 -5.08 2.87
N CYS B 133 -21.37 -5.28 1.56
CA CYS B 133 -22.55 -5.22 0.68
C CYS B 133 -23.72 -6.03 1.22
N TRP B 134 -23.45 -7.25 1.68
CA TRP B 134 -24.52 -8.08 2.20
C TRP B 134 -24.99 -7.60 3.57
N GLU B 135 -24.05 -7.36 4.47
CA GLU B 135 -24.39 -7.01 5.85
C GLU B 135 -25.02 -5.63 5.96
N SER B 136 -24.72 -4.77 5.00
CA SER B 136 -25.32 -3.45 4.96
C SER B 136 -26.70 -3.53 4.31
N ASN B 137 -26.98 -4.66 3.68
CA ASN B 137 -28.18 -4.86 2.90
C ASN B 137 -28.20 -3.96 1.67
N SER B 138 -27.04 -3.44 1.30
CA SER B 138 -26.90 -2.52 0.17
C SER B 138 -27.46 -3.13 -1.10
N ARG B 139 -27.99 -2.28 -1.98
CA ARG B 139 -28.64 -2.75 -3.19
C ARG B 139 -28.06 -2.16 -4.47
N ALA B 140 -27.17 -1.19 -4.33
CA ALA B 140 -26.53 -0.59 -5.49
C ALA B 140 -25.13 -0.08 -5.18
N ILE B 141 -24.17 -0.49 -6.01
CA ILE B 141 -22.79 -0.03 -5.95
C ILE B 141 -22.57 0.98 -7.08
N VAL B 142 -21.95 2.11 -6.73
CA VAL B 142 -21.52 3.08 -7.72
C VAL B 142 -20.00 2.96 -7.82
N MET B 143 -19.48 2.52 -8.96
CA MET B 143 -18.03 2.48 -9.17
C MET B 143 -17.61 3.58 -10.14
N LEU B 144 -16.70 4.43 -9.70
CA LEU B 144 -16.34 5.62 -10.48
C LEU B 144 -14.91 5.59 -10.98
N THR B 145 -14.41 4.39 -11.23
CA THR B 145 -13.05 4.21 -11.70
C THR B 145 -12.98 3.09 -12.72
N ARG B 146 -11.94 3.07 -13.53
CA ARG B 146 -11.65 1.90 -14.32
C ARG B 146 -10.68 1.08 -13.48
N CYS B 147 -10.55 -0.22 -13.74
CA CYS B 147 -9.69 -1.05 -12.92
C CYS B 147 -8.20 -0.70 -13.05
N PHE B 148 -7.79 -0.27 -14.24
CA PHE B 148 -6.47 0.28 -14.44
C PHE B 148 -6.66 1.62 -15.11
N GLU B 149 -5.76 2.57 -14.84
CA GLU B 149 -5.76 3.85 -15.56
C GLU B 149 -4.34 4.42 -15.75
N LYS B 150 -3.94 4.58 -17.00
CA LYS B 150 -2.61 5.08 -17.39
C LYS B 150 -1.47 4.47 -16.56
N GLY B 151 -1.28 3.16 -16.70
CA GLY B 151 -0.17 2.45 -16.03
C GLY B 151 -0.40 2.17 -14.56
N ARG B 152 -1.54 2.62 -14.04
CA ARG B 152 -1.78 2.50 -12.62
C ARG B 152 -2.95 1.57 -12.32
N GLU B 153 -2.76 0.63 -11.39
CA GLU B 153 -3.88 -0.19 -10.91
C GLU B 153 -4.71 0.61 -9.92
N LYS B 154 -5.96 0.88 -10.27
CA LYS B 154 -6.82 1.73 -9.46
C LYS B 154 -7.83 0.94 -8.63
N CYS B 155 -8.05 -0.31 -9.01
CA CYS B 155 -9.10 -1.11 -8.42
C CYS B 155 -9.03 -2.56 -8.84
N ASP B 156 -9.26 -3.47 -7.88
CA ASP B 156 -9.30 -4.88 -8.19
C ASP B 156 -10.60 -5.19 -8.92
N GLN B 157 -10.55 -6.13 -9.86
CA GLN B 157 -11.76 -6.62 -10.51
C GLN B 157 -12.48 -7.56 -9.56
N TYR B 158 -13.15 -6.98 -8.58
CA TYR B 158 -13.76 -7.69 -7.45
C TYR B 158 -15.08 -8.40 -7.80
N TRP B 159 -15.47 -8.37 -9.07
CA TRP B 159 -16.69 -9.05 -9.47
C TRP B 159 -16.41 -10.06 -10.59
N PRO B 160 -17.37 -10.97 -10.85
CA PRO B 160 -17.18 -12.05 -11.83
C PRO B 160 -17.05 -11.58 -13.28
N ASN B 161 -16.28 -12.33 -14.06
CA ASN B 161 -15.98 -11.92 -15.42
C ASN B 161 -16.82 -12.65 -16.45
N ASP B 162 -17.71 -13.52 -15.95
CA ASP B 162 -18.76 -14.13 -16.75
C ASP B 162 -20.01 -14.38 -15.90
N THR B 163 -20.92 -15.22 -16.41
CA THR B 163 -22.21 -15.50 -15.79
C THR B 163 -22.13 -16.56 -14.70
N VAL B 164 -21.06 -17.36 -14.71
CA VAL B 164 -20.80 -18.34 -13.66
C VAL B 164 -20.65 -17.65 -12.31
N PRO B 165 -21.42 -18.09 -11.30
CA PRO B 165 -21.35 -17.62 -9.91
C PRO B 165 -19.97 -17.77 -9.28
N VAL B 166 -19.65 -16.91 -8.33
CA VAL B 166 -18.32 -16.86 -7.73
C VAL B 166 -18.42 -16.52 -6.24
N PHE B 167 -17.97 -17.44 -5.38
CA PHE B 167 -18.04 -17.23 -3.94
C PHE B 167 -16.95 -16.30 -3.42
N TYR B 168 -17.36 -15.12 -2.96
CA TYR B 168 -16.46 -14.26 -2.19
C TYR B 168 -16.84 -14.43 -0.74
N GLY B 169 -16.08 -15.27 -0.04
CA GLY B 169 -16.48 -15.72 1.29
C GLY B 169 -17.74 -16.57 1.23
N ASP B 170 -18.72 -16.22 2.06
CA ASP B 170 -20.02 -16.89 2.01
C ASP B 170 -21.01 -16.10 1.17
N ILE B 171 -20.60 -14.92 0.70
CA ILE B 171 -21.38 -14.16 -0.26
C ILE B 171 -21.08 -14.76 -1.62
N LYS B 172 -22.10 -15.29 -2.29
CA LYS B 172 -21.91 -15.72 -3.66
C LYS B 172 -22.46 -14.65 -4.62
N VAL B 173 -21.69 -14.32 -5.65
CA VAL B 173 -22.07 -13.32 -6.61
C VAL B 173 -22.24 -13.97 -7.97
N GLN B 174 -23.17 -13.46 -8.77
CA GLN B 174 -23.30 -13.87 -10.18
C GLN B 174 -23.97 -12.79 -11.01
N ILE B 175 -23.51 -12.66 -12.24
CA ILE B 175 -24.01 -11.68 -13.15
C ILE B 175 -25.27 -12.15 -13.80
N LEU B 176 -26.25 -11.28 -13.89
CA LEU B 176 -27.50 -11.63 -14.51
C LEU B 176 -27.83 -10.74 -15.67
N ASN B 177 -26.91 -10.00 -16.21
CA ASN B 177 -27.30 -8.97 -17.14
C ASN B 177 -26.41 -7.80 -17.02
N ASP B 178 -26.04 -7.26 -18.15
CA ASP B 178 -25.26 -6.08 -18.15
C ASP B 178 -26.00 -5.12 -18.98
N SER B 179 -25.48 -3.95 -19.06
CA SER B 179 -26.06 -2.91 -19.88
C SER B 179 -25.01 -1.86 -20.14
N HIS B 180 -24.75 -1.60 -21.41
CA HIS B 180 -23.62 -0.79 -21.82
C HIS B 180 -24.07 0.51 -22.43
N TYR B 181 -23.44 1.60 -22.00
CA TYR B 181 -23.89 2.93 -22.36
C TYR B 181 -22.76 3.76 -22.94
N ALA B 182 -23.03 5.06 -23.13
CA ALA B 182 -22.04 5.99 -23.67
C ALA B 182 -20.84 6.14 -22.74
N ASP B 183 -21.12 6.34 -21.46
CA ASP B 183 -20.10 6.66 -20.48
C ASP B 183 -20.16 5.78 -19.23
N TRP B 184 -20.99 4.74 -19.28
CA TRP B 184 -21.03 3.78 -18.19
C TRP B 184 -21.48 2.39 -18.62
N VAL B 185 -21.51 1.49 -17.64
CA VAL B 185 -22.03 0.14 -17.83
C VAL B 185 -22.86 -0.22 -16.61
N MET B 186 -24.07 -0.72 -16.84
CA MET B 186 -24.94 -1.18 -15.77
C MET B 186 -24.75 -2.68 -15.60
N THR B 187 -24.66 -3.16 -14.38
CA THR B 187 -24.51 -4.59 -14.17
C THR B 187 -25.40 -5.07 -13.04
N GLU B 188 -26.22 -6.07 -13.34
CA GLU B 188 -27.14 -6.59 -12.34
C GLU B 188 -26.66 -7.92 -11.77
N PHE B 189 -26.34 -7.89 -10.48
CA PHE B 189 -25.83 -9.04 -9.74
C PHE B 189 -26.92 -9.71 -8.92
N MET B 190 -26.82 -11.02 -8.75
CA MET B 190 -27.55 -11.68 -7.67
C MET B 190 -26.59 -12.06 -6.55
N LEU B 191 -26.94 -11.65 -5.33
CA LEU B 191 -26.20 -12.02 -4.15
C LEU B 191 -27.01 -13.03 -3.37
N CYS B 192 -26.58 -14.29 -3.39
CA CYS B 192 -27.10 -15.28 -2.44
C CYS B 192 -26.12 -15.50 -1.28
N ARG B 193 -26.63 -15.40 -0.07
CA ARG B 193 -25.93 -15.90 1.10
C ARG B 193 -26.89 -16.81 1.85
N GLY B 194 -26.45 -18.03 2.14
CA GLY B 194 -27.34 -19.04 2.67
C GLY B 194 -28.36 -19.25 1.58
N SER B 195 -29.63 -19.16 1.94
CA SER B 195 -30.72 -19.36 0.97
C SER B 195 -31.26 -18.03 0.48
N GLU B 196 -30.95 -16.98 1.25
CA GLU B 196 -31.43 -15.62 0.98
C GLU B 196 -30.78 -15.04 -0.28
N GLN B 197 -31.62 -14.48 -1.16
CA GLN B 197 -31.16 -13.88 -2.43
C GLN B 197 -31.41 -12.37 -2.51
N ARG B 198 -30.56 -11.66 -3.24
CA ARG B 198 -30.74 -10.22 -3.50
C ARG B 198 -30.19 -9.77 -4.83
N ILE B 199 -30.97 -8.98 -5.57
CA ILE B 199 -30.42 -8.34 -6.76
C ILE B 199 -29.67 -7.09 -6.32
N LEU B 200 -28.50 -6.87 -6.92
CA LEU B 200 -27.74 -5.67 -6.65
C LEU B 200 -27.34 -5.07 -7.99
N ARG B 201 -27.52 -3.76 -8.13
CA ARG B 201 -27.22 -3.10 -9.40
C ARG B 201 -25.95 -2.31 -9.22
N HIS B 202 -25.02 -2.51 -10.16
CA HIS B 202 -23.65 -1.99 -10.08
C HIS B 202 -23.48 -0.93 -11.17
N PHE B 203 -23.57 0.34 -10.77
CA PHE B 203 -23.49 1.47 -11.69
C PHE B 203 -22.05 1.88 -11.90
N HIS B 204 -21.46 1.45 -13.02
CA HIS B 204 -20.03 1.61 -13.25
C HIS B 204 -19.71 2.67 -14.29
N PHE B 205 -19.19 3.80 -13.82
CA PHE B 205 -18.86 4.94 -14.67
C PHE B 205 -17.47 4.77 -15.30
N THR B 206 -17.42 4.70 -16.63
CA THR B 206 -16.23 4.24 -17.32
C THR B 206 -15.66 5.24 -18.32
N THR B 207 -15.56 6.49 -17.92
CA THR B 207 -15.19 7.55 -18.85
C THR B 207 -14.25 8.60 -18.24
N TRP B 208 -14.30 8.76 -16.93
CA TRP B 208 -13.56 9.80 -16.26
C TRP B 208 -12.19 9.77 -16.89
N PRO B 209 -11.62 10.92 -17.20
CA PRO B 209 -10.36 10.97 -17.89
C PRO B 209 -9.34 10.27 -17.09
N ASP B 210 -8.06 10.45 -17.38
CA ASP B 210 -6.98 9.82 -16.65
C ASP B 210 -6.37 10.99 -15.99
N PHE B 211 -6.43 12.08 -16.72
CA PHE B 211 -5.97 13.37 -16.30
C PHE B 211 -7.10 14.36 -16.38
N GLY B 212 -7.74 14.60 -15.24
CA GLY B 212 -8.78 15.62 -15.07
C GLY B 212 -10.20 15.12 -14.90
N VAL B 213 -11.13 16.07 -14.88
CA VAL B 213 -12.56 15.79 -14.71
C VAL B 213 -13.28 15.90 -16.05
N PRO B 214 -14.35 15.08 -16.24
CA PRO B 214 -14.96 14.87 -17.57
C PRO B 214 -15.20 16.16 -18.36
N ASN B 215 -14.35 16.41 -19.36
CA ASN B 215 -14.25 17.70 -20.04
C ASN B 215 -15.44 18.15 -20.89
N PRO B 216 -16.47 17.30 -21.05
CA PRO B 216 -17.75 17.93 -21.26
C PRO B 216 -18.61 17.63 -20.03
N PRO B 217 -18.38 18.34 -18.95
CA PRO B 217 -19.00 18.02 -17.70
C PRO B 217 -20.43 18.05 -17.96
N GLN B 218 -21.03 16.95 -18.38
CA GLN B 218 -22.43 16.85 -18.75
C GLN B 218 -22.56 15.39 -18.95
N THR B 219 -21.39 14.83 -19.12
CA THR B 219 -21.16 13.44 -19.17
C THR B 219 -21.25 12.87 -17.79
N LEU B 220 -21.03 13.65 -16.75
CA LEU B 220 -21.22 13.16 -15.41
C LEU B 220 -22.65 13.34 -15.01
N VAL B 221 -23.21 14.47 -15.34
CA VAL B 221 -24.63 14.74 -15.09
C VAL B 221 -25.48 13.61 -15.69
N ARG B 222 -25.18 13.28 -16.94
CA ARG B 222 -25.83 12.17 -17.63
C ARG B 222 -25.80 10.87 -16.81
N PHE B 223 -24.63 10.51 -16.28
CA PHE B 223 -24.51 9.32 -15.43
C PHE B 223 -25.29 9.48 -14.13
N VAL B 224 -25.07 10.61 -13.44
CA VAL B 224 -25.75 10.89 -12.19
C VAL B 224 -27.27 10.88 -12.38
N ARG B 225 -27.77 11.51 -13.44
CA ARG B 225 -29.20 11.46 -13.78
C ARG B 225 -29.69 10.03 -14.00
N ALA B 226 -28.84 9.22 -14.63
CA ALA B 226 -29.17 7.83 -14.95
C ALA B 226 -29.26 6.98 -13.69
N PHE B 227 -28.40 7.29 -12.73
CA PHE B 227 -28.33 6.53 -11.50
C PHE B 227 -29.57 6.81 -10.69
N ARG B 228 -29.84 8.09 -10.44
CA ARG B 228 -31.00 8.45 -9.61
C ARG B 228 -32.32 7.96 -10.23
N ASP B 229 -32.43 8.06 -11.56
CA ASP B 229 -33.60 7.58 -12.26
C ASP B 229 -33.92 6.19 -11.77
N ARG B 230 -32.92 5.30 -11.86
CA ARG B 230 -33.05 3.90 -11.44
C ARG B 230 -33.22 3.66 -9.94
N ILE B 231 -32.41 4.33 -9.12
CA ILE B 231 -32.41 4.11 -7.68
C ILE B 231 -33.24 5.16 -6.98
N GLY B 232 -34.55 4.96 -6.92
CA GLY B 232 -35.42 5.89 -6.20
C GLY B 232 -35.17 5.74 -4.71
N ALA B 233 -35.17 6.84 -3.97
CA ALA B 233 -34.79 6.77 -2.54
C ALA B 233 -35.37 7.87 -1.62
N GLU B 234 -36.00 7.49 -0.51
CA GLU B 234 -36.44 6.11 -0.14
C GLU B 234 -35.44 5.04 0.34
N GLN B 235 -34.40 4.76 -0.45
CA GLN B 235 -33.56 3.58 -0.18
C GLN B 235 -32.05 3.76 -0.31
N ARG B 236 -31.38 3.58 0.84
CA ARG B 236 -29.94 3.33 0.89
C ARG B 236 -29.80 2.01 1.65
N PRO B 237 -28.58 1.64 2.08
CA PRO B 237 -27.34 2.34 1.82
C PRO B 237 -26.76 2.01 0.45
N ILE B 238 -26.17 3.00 -0.19
CA ILE B 238 -25.60 2.86 -1.53
C ILE B 238 -24.08 2.87 -1.40
N VAL B 239 -23.43 1.79 -1.81
CA VAL B 239 -21.97 1.72 -1.72
C VAL B 239 -21.35 2.52 -2.86
N VAL B 240 -20.39 3.38 -2.53
CA VAL B 240 -19.73 4.22 -3.54
C VAL B 240 -18.19 4.09 -3.41
N HIS B 241 -17.48 4.03 -4.51
CA HIS B 241 -16.09 3.94 -4.42
C HIS B 241 -15.47 4.29 -5.73
N CYS B 242 -14.21 4.69 -5.69
CA CYS B 242 -13.34 4.73 -6.83
C CYS B 242 -12.06 4.07 -6.45
N SER B 243 -10.97 4.78 -6.28
CA SER B 243 -9.75 4.19 -5.80
C SER B 243 -9.55 4.56 -4.38
N ALA B 244 -9.23 5.78 -4.09
CA ALA B 244 -8.98 6.14 -2.75
C ALA B 244 -10.27 6.16 -2.04
N GLY B 245 -11.35 6.40 -2.77
CA GLY B 245 -12.66 6.48 -2.18
C GLY B 245 -12.98 7.84 -1.64
N VAL B 246 -12.47 8.84 -2.31
CA VAL B 246 -12.68 10.24 -1.96
C VAL B 246 -12.44 10.95 -3.29
N GLY B 247 -12.98 12.13 -3.47
CA GLY B 247 -12.71 12.84 -4.70
C GLY B 247 -13.76 12.52 -5.74
N ARG B 248 -13.51 11.51 -6.57
CA ARG B 248 -14.54 11.13 -7.53
C ARG B 248 -15.82 10.76 -6.78
N SER B 249 -15.67 9.92 -5.75
CA SER B 249 -16.76 9.54 -4.86
C SER B 249 -17.40 10.76 -4.22
N GLY B 250 -16.56 11.68 -3.74
CA GLY B 250 -17.03 12.97 -3.22
C GLY B 250 -17.70 13.84 -4.26
N THR B 251 -17.16 13.84 -5.48
CA THR B 251 -17.69 14.64 -6.57
C THR B 251 -19.07 14.12 -6.98
N PHE B 252 -19.20 12.80 -7.07
CA PHE B 252 -20.45 12.17 -7.52
C PHE B 252 -21.61 12.37 -6.54
N ILE B 253 -21.32 12.20 -5.26
CA ILE B 253 -22.35 12.32 -4.23
C ILE B 253 -22.89 13.77 -4.17
N THR B 254 -21.97 14.73 -4.13
CA THR B 254 -22.32 16.14 -4.07
C THR B 254 -23.15 16.55 -5.29
N LEU B 255 -22.77 16.07 -6.47
CA LEU B 255 -23.53 16.38 -7.66
C LEU B 255 -24.91 15.72 -7.60
N ASP B 256 -24.95 14.44 -7.23
CA ASP B 256 -26.22 13.73 -7.07
C ASP B 256 -27.15 14.50 -6.15
N ARG B 257 -26.60 14.90 -4.99
CA ARG B 257 -27.36 15.53 -3.96
C ARG B 257 -27.90 16.89 -4.35
N ILE B 258 -27.06 17.75 -4.92
CA ILE B 258 -27.50 19.10 -5.32
C ILE B 258 -28.53 19.06 -6.43
N LEU B 259 -28.40 18.09 -7.34
CA LEU B 259 -29.40 17.86 -8.38
C LEU B 259 -30.76 17.49 -7.77
N GLN B 260 -30.75 16.55 -6.82
CA GLN B 260 -31.96 16.15 -6.14
C GLN B 260 -32.61 17.35 -5.51
N GLN B 261 -31.77 18.22 -4.98
CA GLN B 261 -32.21 19.40 -4.26
C GLN B 261 -32.91 20.42 -5.16
N ILE B 262 -32.26 20.82 -6.25
CA ILE B 262 -32.73 21.93 -7.09
C ILE B 262 -34.15 21.84 -7.61
N ASN B 263 -34.85 20.79 -7.21
CA ASN B 263 -36.28 20.71 -7.44
C ASN B 263 -37.13 20.62 -6.18
N THR B 264 -36.63 21.17 -5.10
CA THR B 264 -37.40 21.46 -3.92
C THR B 264 -37.03 22.80 -3.31
N SER B 265 -35.75 23.10 -3.16
CA SER B 265 -35.35 24.39 -2.61
C SER B 265 -34.93 25.29 -3.68
N ASP B 266 -34.46 26.44 -3.27
CA ASP B 266 -34.21 27.57 -4.15
C ASP B 266 -32.74 27.97 -4.07
N TYR B 267 -31.93 27.08 -3.52
CA TYR B 267 -30.51 27.33 -3.32
C TYR B 267 -29.78 25.99 -3.34
N VAL B 268 -28.46 26.07 -3.42
CA VAL B 268 -27.59 24.92 -3.38
C VAL B 268 -26.36 25.32 -2.59
N ASP B 269 -26.02 24.53 -1.58
CA ASP B 269 -24.88 24.81 -0.70
C ASP B 269 -23.80 23.77 -0.92
N ILE B 270 -23.13 23.86 -2.07
CA ILE B 270 -22.05 22.94 -2.43
C ILE B 270 -20.93 22.97 -1.38
N PHE B 271 -20.46 24.16 -1.06
CA PHE B 271 -19.45 24.34 -0.03
C PHE B 271 -19.83 23.65 1.27
N GLY B 272 -21.08 23.86 1.69
CA GLY B 272 -21.59 23.18 2.86
C GLY B 272 -21.41 21.69 2.70
N ILE B 273 -22.05 21.13 1.67
CA ILE B 273 -22.08 19.68 1.48
C ILE B 273 -20.68 19.05 1.52
N VAL B 274 -19.70 19.76 0.98
CA VAL B 274 -18.34 19.24 0.94
C VAL B 274 -17.76 19.28 2.35
N TYR B 275 -17.95 20.40 3.03
CA TYR B 275 -17.53 20.57 4.43
C TYR B 275 -18.15 19.48 5.31
N ALA B 276 -19.45 19.25 5.14
CA ALA B 276 -20.18 18.23 5.87
C ALA B 276 -19.61 16.84 5.60
N MET B 277 -19.27 16.57 4.34
CA MET B 277 -18.77 15.26 3.94
C MET B 277 -17.40 14.99 4.54
N ARG B 278 -16.61 16.03 4.72
CA ARG B 278 -15.23 15.88 5.15
C ARG B 278 -15.14 15.63 6.64
N LYS B 279 -16.28 15.80 7.31
CA LYS B 279 -16.43 15.49 8.70
C LYS B 279 -16.59 13.97 8.79
N GLU B 280 -17.07 13.37 7.72
CA GLU B 280 -17.44 11.97 7.71
C GLU B 280 -16.38 11.04 7.12
N ARG B 281 -15.58 11.59 6.22
CA ARG B 281 -14.51 10.83 5.62
C ARG B 281 -13.52 11.84 5.05
N VAL B 282 -12.25 11.63 5.39
CA VAL B 282 -11.16 12.48 4.98
C VAL B 282 -11.19 12.74 3.46
N TRP B 283 -10.82 13.97 3.09
CA TRP B 283 -10.57 14.38 1.70
C TRP B 283 -11.70 14.27 0.69
N MET B 284 -12.95 14.37 1.17
CA MET B 284 -14.09 13.98 0.32
C MET B 284 -14.07 14.46 -1.11
N VAL B 285 -14.09 15.76 -1.37
CA VAL B 285 -13.82 16.20 -2.74
C VAL B 285 -12.34 16.58 -2.75
N GLN B 286 -11.55 15.81 -3.49
CA GLN B 286 -10.11 15.81 -3.29
C GLN B 286 -9.38 16.99 -3.92
N THR B 287 -9.87 17.44 -5.07
CA THR B 287 -9.15 18.41 -5.88
C THR B 287 -10.00 19.64 -6.21
N GLU B 288 -9.33 20.77 -6.42
CA GLU B 288 -10.00 22.02 -6.80
C GLU B 288 -10.68 21.81 -8.14
N GLN B 289 -9.98 21.16 -9.06
CA GLN B 289 -10.49 20.84 -10.38
C GLN B 289 -11.79 20.03 -10.33
N GLN B 290 -11.97 19.25 -9.26
CA GLN B 290 -13.21 18.53 -9.01
C GLN B 290 -14.25 19.44 -8.38
N TYR B 291 -13.79 20.33 -7.50
CA TYR B 291 -14.70 21.23 -6.77
C TYR B 291 -15.36 22.22 -7.73
N ILE B 292 -14.60 22.62 -8.73
CA ILE B 292 -15.10 23.45 -9.82
C ILE B 292 -16.01 22.61 -10.75
N CYS B 293 -15.64 21.34 -10.94
CA CYS B 293 -16.39 20.42 -11.79
C CYS B 293 -17.84 20.24 -11.34
N ILE B 294 -18.06 20.17 -10.03
CA ILE B 294 -19.41 20.07 -9.48
C ILE B 294 -20.22 21.31 -9.82
N HIS B 295 -19.57 22.48 -9.74
CA HIS B 295 -20.20 23.75 -10.09
C HIS B 295 -20.58 23.83 -11.58
N GLN B 296 -19.67 23.40 -12.45
CA GLN B 296 -19.93 23.39 -13.88
C GLN B 296 -21.15 22.55 -14.20
N CYS B 297 -21.21 21.35 -13.61
CA CYS B 297 -22.29 20.38 -13.82
C CYS B 297 -23.68 20.92 -13.52
N LEU B 298 -23.82 21.61 -12.39
CA LEU B 298 -25.08 22.27 -12.04
C LEU B 298 -25.37 23.42 -13.00
N LEU B 299 -24.38 24.28 -13.22
CA LEU B 299 -24.53 25.40 -14.14
C LEU B 299 -25.11 24.88 -15.46
N ALA B 300 -24.54 23.81 -15.99
CA ALA B 300 -25.11 23.12 -17.16
C ALA B 300 -26.60 22.87 -16.97
N VAL B 301 -26.94 22.16 -15.89
CA VAL B 301 -28.32 21.80 -15.56
C VAL B 301 -29.26 23.01 -15.48
N LEU B 302 -28.83 24.07 -14.82
CA LEU B 302 -29.66 25.28 -14.70
C LEU B 302 -29.83 26.07 -16.01
N GLU B 303 -29.01 25.73 -17.00
CA GLU B 303 -29.07 26.27 -18.34
C GLU B 303 -29.64 25.27 -19.34
N GLY B 304 -28.83 24.40 -19.91
CA GLY B 304 -29.41 23.38 -20.77
C GLY B 304 -28.53 22.17 -20.88
N LYS B 305 -29.06 21.01 -20.57
CA LYS B 305 -28.30 19.78 -20.62
C LYS B 305 -28.17 19.07 -19.29
#